data_9GKH
#
_entry.id   9GKH
#
_cell.length_a   56.213
_cell.length_b   94.283
_cell.length_c   110.823
_cell.angle_alpha   90.00
_cell.angle_beta   90.00
_cell.angle_gamma   90.00
#
_symmetry.space_group_name_H-M   'P 21 21 21'
#
loop_
_entity.id
_entity.type
_entity.pdbx_description
1 polymer 'Putative F420-dependent oxidoreductase'
2 water water
#
_entity_poly.entity_id   1
_entity_poly.type   'polypeptide(L)'
_entity_poly.pdbx_seq_one_letter_code
;MGSSHHHHHHSSGLVPRGSHMTTLRPFRFGVNLVPTPGVSSWRETCRTAEQSGYDVIAVPDALGVHSPFIAMMAAAAVTE
RVQLTTFVLNSAFWNPVLLARDLLTAHELTGGRVEAGLGTGYVRAEFETAGLDWGTAGTRVTRLADTLAALRTLAVPTPL
MVGGNGDRVLGLAAEHADTVSFSGATLTPGSARGTLRMITAEAMDERVAFFAERAGERDSQVERNTLVQSVIATDDRAAT
AKAMRSRMPYLTAEQILQLPTLLIGTPAQMAETLLERRERFGFSYVCVQERYLAAFAPVIGLLGSARG
;
_entity_poly.pdbx_strand_id   A,B
#
# COMPACT_ATOMS: atom_id res chain seq x y z
N ARG A 25 -29.12 -5.55 -15.17
CA ARG A 25 -28.83 -6.81 -14.47
C ARG A 25 -28.65 -6.52 -12.98
N PRO A 26 -29.20 -7.36 -12.11
CA PRO A 26 -29.12 -7.10 -10.67
C PRO A 26 -27.68 -7.09 -10.21
N PHE A 27 -27.42 -6.27 -9.21
CA PHE A 27 -26.07 -6.17 -8.66
C PHE A 27 -25.64 -7.46 -7.99
N ARG A 28 -24.35 -7.78 -8.13
CA ARG A 28 -23.65 -8.85 -7.45
C ARG A 28 -22.36 -8.22 -6.94
N PHE A 29 -21.99 -8.46 -5.68
CA PHE A 29 -20.81 -7.81 -5.09
C PHE A 29 -19.77 -8.83 -4.65
N GLY A 30 -18.52 -8.57 -5.01
CA GLY A 30 -17.46 -9.46 -4.60
C GLY A 30 -16.36 -8.79 -3.79
N VAL A 31 -15.61 -9.59 -3.05
CA VAL A 31 -14.43 -9.08 -2.38
C VAL A 31 -13.28 -10.00 -2.76
N ASN A 32 -12.14 -9.40 -3.11
CA ASN A 32 -10.96 -10.10 -3.60
C ASN A 32 -10.07 -10.32 -2.38
N LEU A 33 -10.08 -11.56 -1.87
CA LEU A 33 -9.34 -11.94 -0.68
C LEU A 33 -8.05 -12.62 -1.10
N VAL A 34 -7.01 -12.41 -0.32
CA VAL A 34 -5.73 -13.03 -0.60
C VAL A 34 -5.43 -14.10 0.45
N PRO A 35 -5.60 -15.38 0.12
CA PRO A 35 -5.27 -16.42 1.09
C PRO A 35 -3.77 -16.53 1.24
N THR A 36 -3.23 -16.22 2.42
CA THR A 36 -1.82 -15.96 2.60
C THR A 36 -1.15 -17.08 3.37
N PRO A 37 -0.11 -17.68 2.80
CA PRO A 37 0.64 -18.69 3.54
C PRO A 37 1.18 -18.14 4.84
N GLY A 38 1.11 -18.96 5.88
CA GLY A 38 1.64 -18.59 7.18
C GLY A 38 0.70 -17.78 8.05
N VAL A 39 -0.46 -17.42 7.53
CA VAL A 39 -1.49 -16.67 8.24
C VAL A 39 -2.63 -17.63 8.49
N SER A 40 -3.18 -17.62 9.69
CA SER A 40 -4.14 -18.62 10.11
C SER A 40 -5.59 -18.14 10.06
N SER A 41 -5.87 -17.06 9.35
CA SER A 41 -7.17 -16.43 9.43
C SER A 41 -8.05 -16.64 8.22
N TRP A 42 -7.74 -17.61 7.35
CA TRP A 42 -8.45 -17.69 6.06
C TRP A 42 -9.95 -17.93 6.26
N ARG A 43 -10.31 -18.98 7.01
CA ARG A 43 -11.71 -19.32 7.21
C ARG A 43 -12.46 -18.18 7.91
N GLU A 44 -11.83 -17.56 8.90
CA GLU A 44 -12.45 -16.42 9.57
C GLU A 44 -12.73 -15.29 8.59
N THR A 45 -11.79 -15.02 7.68
CA THR A 45 -11.97 -13.93 6.72
C THR A 45 -13.10 -14.22 5.75
N CYS A 46 -13.20 -15.47 5.31
CA CYS A 46 -14.29 -15.85 4.41
C CYS A 46 -15.65 -15.72 5.08
N ARG A 47 -15.74 -16.11 6.35
CA ARG A 47 -16.99 -15.93 7.09
C ARG A 47 -17.33 -14.46 7.20
N THR A 48 -16.34 -13.61 7.43
CA THR A 48 -16.61 -12.18 7.53
C THR A 48 -17.16 -11.63 6.21
N ALA A 49 -16.62 -12.11 5.10
CA ALA A 49 -17.11 -11.66 3.80
C ALA A 49 -18.58 -12.03 3.63
N GLU A 50 -18.94 -13.28 3.90
CA GLU A 50 -20.32 -13.68 3.76
C GLU A 50 -21.23 -12.93 4.73
N GLN A 51 -20.82 -12.80 5.99
CA GLN A 51 -21.64 -12.11 6.99
C GLN A 51 -21.80 -10.63 6.68
N SER A 52 -20.86 -10.06 5.93
CA SER A 52 -20.97 -8.65 5.58
C SER A 52 -21.80 -8.42 4.32
N GLY A 53 -22.28 -9.48 3.68
CA GLY A 53 -23.23 -9.32 2.60
C GLY A 53 -22.68 -9.48 1.21
N TYR A 54 -21.41 -9.85 1.08
CA TYR A 54 -20.86 -10.08 -0.24
C TYR A 54 -21.51 -11.32 -0.87
N ASP A 55 -21.59 -11.28 -2.21
CA ASP A 55 -22.12 -12.39 -3.01
C ASP A 55 -21.05 -13.32 -3.55
N VAL A 56 -19.82 -12.85 -3.62
CA VAL A 56 -18.73 -13.57 -4.23
C VAL A 56 -17.46 -13.33 -3.43
N ILE A 57 -16.68 -14.39 -3.21
CA ILE A 57 -15.30 -14.31 -2.75
C ILE A 57 -14.43 -14.64 -3.94
N ALA A 58 -13.52 -13.73 -4.28
CA ALA A 58 -12.59 -13.92 -5.40
C ALA A 58 -11.21 -14.17 -4.81
N VAL A 59 -10.43 -15.00 -5.49
CA VAL A 59 -9.06 -15.30 -5.02
C VAL A 59 -8.11 -15.16 -6.19
N PRO A 60 -6.87 -14.74 -5.96
CA PRO A 60 -5.93 -14.59 -7.07
C PRO A 60 -5.17 -15.88 -7.35
N ASP A 61 -4.41 -15.84 -8.45
CA ASP A 61 -3.58 -16.96 -8.90
C ASP A 61 -2.16 -16.44 -9.01
N ALA A 62 -1.38 -16.56 -7.93
CA ALA A 62 -0.05 -15.97 -7.88
C ALA A 62 0.88 -16.85 -7.07
N LEU A 63 2.16 -16.84 -7.42
CA LEU A 63 3.15 -17.50 -6.58
C LEU A 63 3.23 -16.77 -5.24
N GLY A 64 3.47 -17.53 -4.19
CA GLY A 64 3.52 -16.99 -2.87
C GLY A 64 2.18 -16.72 -2.24
N VAL A 65 1.08 -17.03 -2.94
CA VAL A 65 -0.29 -17.02 -2.42
C VAL A 65 -0.76 -18.46 -2.35
N HIS A 66 -1.72 -18.73 -1.50
CA HIS A 66 -2.25 -20.10 -1.47
C HIS A 66 -2.79 -20.46 -2.84
N SER A 67 -2.71 -21.75 -3.15
CA SER A 67 -3.25 -22.30 -4.38
C SER A 67 -4.76 -22.04 -4.48
N PRO A 68 -5.25 -21.56 -5.61
CA PRO A 68 -6.61 -20.99 -5.61
C PRO A 68 -7.73 -21.96 -5.41
N PHE A 69 -7.73 -23.09 -6.11
CA PHE A 69 -8.86 -24.00 -5.97
C PHE A 69 -8.86 -24.66 -4.60
N ILE A 70 -7.68 -24.90 -4.03
CA ILE A 70 -7.61 -25.46 -2.69
C ILE A 70 -8.14 -24.46 -1.67
N ALA A 71 -7.73 -23.20 -1.80
CA ALA A 71 -8.26 -22.18 -0.91
C ALA A 71 -9.74 -21.98 -1.11
N MET A 72 -10.23 -22.07 -2.35
CA MET A 72 -11.66 -21.97 -2.56
C MET A 72 -12.43 -23.09 -1.87
N MET A 73 -11.88 -24.32 -1.87
CA MET A 73 -12.55 -25.41 -1.15
C MET A 73 -12.64 -25.10 0.34
N ALA A 74 -11.56 -24.58 0.93
CA ALA A 74 -11.62 -24.20 2.33
C ALA A 74 -12.66 -23.12 2.58
N ALA A 75 -12.80 -22.18 1.66
CA ALA A 75 -13.81 -21.16 1.80
C ALA A 75 -15.22 -21.74 1.68
N ALA A 76 -15.42 -22.67 0.75
CA ALA A 76 -16.74 -23.27 0.57
C ALA A 76 -17.16 -24.04 1.81
N ALA A 77 -16.21 -24.61 2.54
CA ALA A 77 -16.53 -25.40 3.72
C ALA A 77 -17.04 -24.56 4.90
N VAL A 78 -16.83 -23.25 4.89
CA VAL A 78 -17.22 -22.40 6.00
C VAL A 78 -18.22 -21.33 5.58
N THR A 79 -18.66 -21.35 4.32
CA THR A 79 -19.70 -20.45 3.84
C THR A 79 -20.80 -21.26 3.19
N GLU A 80 -21.96 -20.62 3.06
CA GLU A 80 -23.14 -21.31 2.55
C GLU A 80 -23.75 -20.67 1.32
N ARG A 81 -23.53 -19.38 1.11
CA ARG A 81 -24.22 -18.65 0.04
C ARG A 81 -23.30 -18.10 -1.04
N VAL A 82 -22.12 -17.64 -0.67
CA VAL A 82 -21.29 -16.94 -1.65
C VAL A 82 -20.89 -17.88 -2.76
N GLN A 83 -20.78 -17.33 -3.99
CA GLN A 83 -20.02 -17.96 -5.06
C GLN A 83 -18.53 -17.74 -4.81
N LEU A 84 -17.71 -18.64 -5.35
CA LEU A 84 -16.27 -18.59 -5.21
C LEU A 84 -15.67 -18.47 -6.60
N THR A 85 -14.77 -17.50 -6.81
CA THR A 85 -14.22 -17.32 -8.16
C THR A 85 -12.72 -17.09 -8.12
N THR A 86 -12.04 -17.52 -9.19
CA THR A 86 -10.66 -17.12 -9.43
C THR A 86 -10.70 -15.77 -10.13
N PHE A 87 -9.77 -14.87 -9.78
CA PHE A 87 -9.80 -13.47 -10.25
C PHE A 87 -8.37 -12.94 -10.38
N VAL A 88 -7.68 -13.32 -11.45
CA VAL A 88 -8.06 -14.31 -12.45
C VAL A 88 -6.89 -15.33 -12.57
N LEU A 89 -7.17 -16.51 -13.10
CA LEU A 89 -6.10 -17.47 -13.36
C LEU A 89 -5.09 -16.92 -14.37
N ASN A 90 -3.82 -17.21 -14.11
CA ASN A 90 -2.75 -16.88 -15.04
C ASN A 90 -2.71 -18.03 -16.03
N SER A 91 -3.12 -17.78 -17.27
CA SER A 91 -3.26 -18.89 -18.21
C SER A 91 -1.96 -19.67 -18.42
N ALA A 92 -0.80 -19.03 -18.22
CA ALA A 92 0.45 -19.76 -18.37
C ALA A 92 0.65 -20.86 -17.35
N PHE A 93 -0.08 -20.83 -16.25
CA PHE A 93 0.08 -21.77 -15.15
C PHE A 93 -0.70 -23.07 -15.32
N TRP A 94 -1.59 -23.16 -16.30
CA TRP A 94 -2.58 -24.24 -16.36
C TRP A 94 -2.55 -24.98 -17.68
N ASN A 95 -2.48 -26.31 -17.60
CA ASN A 95 -2.77 -27.18 -18.74
C ASN A 95 -4.28 -27.24 -18.94
N PRO A 96 -4.80 -26.95 -20.13
CA PRO A 96 -6.26 -26.83 -20.26
C PRO A 96 -7.02 -28.08 -19.90
N VAL A 97 -6.49 -29.26 -20.25
CA VAL A 97 -7.19 -30.50 -19.92
C VAL A 97 -7.20 -30.74 -18.41
N LEU A 98 -6.08 -30.47 -17.75
CA LEU A 98 -6.03 -30.63 -16.30
C LEU A 98 -6.82 -29.55 -15.59
N LEU A 99 -6.84 -28.33 -16.13
CA LEU A 99 -7.71 -27.31 -15.55
C LEU A 99 -9.19 -27.71 -15.67
N ALA A 100 -9.59 -28.26 -16.82
CA ALA A 100 -10.97 -28.73 -16.96
C ALA A 100 -11.29 -29.78 -15.91
N ARG A 101 -10.33 -30.66 -15.61
CA ARG A 101 -10.54 -31.64 -14.54
C ARG A 101 -10.77 -30.94 -13.20
N ASP A 102 -9.93 -29.95 -12.87
CA ASP A 102 -10.11 -29.15 -11.66
C ASP A 102 -11.47 -28.48 -11.63
N LEU A 103 -11.90 -27.88 -12.74
CA LEU A 103 -13.14 -27.12 -12.71
C LEU A 103 -14.34 -28.05 -12.51
N LEU A 104 -14.35 -29.20 -13.19
CA LEU A 104 -15.44 -30.15 -13.00
C LEU A 104 -15.49 -30.59 -11.55
N THR A 105 -14.31 -30.85 -10.97
CA THR A 105 -14.29 -31.30 -9.58
C THR A 105 -14.81 -30.21 -8.64
N ALA A 106 -14.28 -28.99 -8.81
CA ALA A 106 -14.69 -27.89 -7.94
C ALA A 106 -16.19 -27.65 -8.03
N HIS A 107 -16.74 -27.76 -9.23
CA HIS A 107 -18.17 -27.58 -9.45
C HIS A 107 -18.95 -28.68 -8.73
N GLU A 108 -18.60 -29.93 -8.95
CA GLU A 108 -19.40 -30.99 -8.36
C GLU A 108 -19.26 -31.03 -6.84
N LEU A 109 -18.07 -30.83 -6.32
CA LEU A 109 -17.88 -31.04 -4.90
C LEU A 109 -18.22 -29.83 -4.06
N THR A 110 -18.57 -28.69 -4.69
CA THR A 110 -19.15 -27.57 -3.95
C THR A 110 -20.63 -27.38 -4.21
N GLY A 111 -21.25 -28.24 -5.02
CA GLY A 111 -22.64 -28.03 -5.37
C GLY A 111 -22.87 -26.87 -6.30
N GLY A 112 -21.91 -26.58 -7.18
CA GLY A 112 -22.09 -25.59 -8.22
C GLY A 112 -21.79 -24.18 -7.80
N ARG A 113 -20.85 -23.99 -6.89
CA ARG A 113 -20.58 -22.67 -6.33
C ARG A 113 -19.32 -22.01 -6.86
N VAL A 114 -18.67 -22.57 -7.88
CA VAL A 114 -17.35 -22.13 -8.32
C VAL A 114 -17.48 -21.54 -9.71
N GLU A 115 -16.85 -20.38 -9.89
CA GLU A 115 -16.67 -19.72 -11.18
C GLU A 115 -15.18 -19.57 -11.45
N ALA A 116 -14.81 -19.50 -12.71
CA ALA A 116 -13.42 -19.46 -13.09
C ALA A 116 -13.17 -18.22 -13.93
N GLY A 117 -12.49 -17.23 -13.36
CA GLY A 117 -11.94 -16.12 -14.12
C GLY A 117 -10.54 -16.44 -14.61
N LEU A 118 -10.29 -16.07 -15.87
CA LEU A 118 -9.04 -16.35 -16.57
C LEU A 118 -8.54 -15.08 -17.21
N GLY A 119 -7.22 -14.99 -17.31
CA GLY A 119 -6.58 -13.88 -18.01
C GLY A 119 -5.14 -14.22 -18.35
N THR A 120 -4.34 -13.22 -18.69
CA THR A 120 -2.90 -13.39 -18.93
C THR A 120 -2.18 -12.92 -17.69
N GLY A 121 -0.94 -13.33 -17.47
CA GLY A 121 -0.16 -12.80 -16.34
C GLY A 121 0.69 -11.61 -16.74
N TYR A 122 0.98 -10.73 -15.79
CA TYR A 122 1.75 -9.50 -16.10
C TYR A 122 3.07 -9.50 -15.33
N VAL A 123 3.30 -10.52 -14.52
CA VAL A 123 4.55 -10.55 -13.70
C VAL A 123 5.50 -11.59 -14.31
N ARG A 124 6.51 -11.11 -15.02
CA ARG A 124 7.47 -12.02 -15.69
C ARG A 124 8.21 -12.85 -14.63
N ALA A 125 8.46 -12.26 -13.48
CA ALA A 125 9.24 -13.01 -12.51
C ALA A 125 8.55 -14.31 -12.12
N GLU A 126 7.23 -14.31 -12.09
CA GLU A 126 6.53 -15.56 -11.78
C GLU A 126 6.70 -16.59 -12.89
N PHE A 127 6.69 -16.14 -14.16
CA PHE A 127 7.02 -17.04 -15.24
C PHE A 127 8.41 -17.64 -15.04
N GLU A 128 9.40 -16.78 -14.75
CA GLU A 128 10.77 -17.24 -14.61
C GLU A 128 10.89 -18.24 -13.46
N THR A 129 10.26 -17.92 -12.32
CA THR A 129 10.39 -18.79 -11.15
C THR A 129 9.81 -20.17 -11.42
N ALA A 130 8.67 -20.22 -12.11
CA ALA A 130 8.02 -21.48 -12.42
C ALA A 130 8.62 -22.19 -13.62
N GLY A 131 9.63 -21.61 -14.26
CA GLY A 131 10.24 -22.26 -15.40
C GLY A 131 9.40 -22.20 -16.65
N LEU A 132 8.60 -21.15 -16.82
CA LEU A 132 7.74 -20.99 -17.98
C LEU A 132 8.22 -19.87 -18.90
N ASP A 133 7.90 -20.01 -20.17
CA ASP A 133 8.38 -19.07 -21.18
C ASP A 133 7.49 -17.82 -21.16
N TRP A 134 8.12 -16.68 -20.89
CA TRP A 134 7.41 -15.41 -20.89
C TRP A 134 6.88 -15.08 -22.28
N GLY A 135 7.68 -15.34 -23.31
CA GLY A 135 7.21 -15.15 -24.66
C GLY A 135 6.92 -13.70 -24.97
N THR A 136 5.87 -13.47 -25.76
CA THR A 136 5.39 -12.14 -26.12
C THR A 136 3.97 -11.96 -25.63
N ALA A 137 3.50 -10.70 -25.70
CA ALA A 137 2.09 -10.45 -25.41
C ALA A 137 1.20 -11.29 -26.31
N GLY A 138 1.63 -11.52 -27.55
CA GLY A 138 0.87 -12.33 -28.48
C GLY A 138 0.80 -13.78 -28.06
N THR A 139 1.93 -14.36 -27.61
CA THR A 139 1.90 -15.77 -27.21
C THR A 139 1.14 -15.92 -25.89
N ARG A 140 1.23 -14.94 -25.00
CA ARG A 140 0.49 -15.04 -23.74
C ARG A 140 -1.01 -14.99 -23.99
N VAL A 141 -1.47 -14.13 -24.92
CA VAL A 141 -2.90 -14.09 -25.23
C VAL A 141 -3.32 -15.32 -26.02
N THR A 142 -2.45 -15.83 -26.88
CA THR A 142 -2.81 -17.07 -27.61
C THR A 142 -3.01 -18.22 -26.63
N ARG A 143 -2.21 -18.27 -25.58
CA ARG A 143 -2.38 -19.33 -24.55
C ARG A 143 -3.78 -19.19 -23.91
N LEU A 144 -4.18 -17.97 -23.59
CA LEU A 144 -5.53 -17.78 -23.05
C LEU A 144 -6.57 -18.25 -24.05
N ALA A 145 -6.40 -17.88 -25.32
CA ALA A 145 -7.36 -18.28 -26.35
C ALA A 145 -7.43 -19.79 -26.44
N ASP A 146 -6.29 -20.46 -26.47
CA ASP A 146 -6.29 -21.91 -26.59
C ASP A 146 -6.97 -22.57 -25.40
N THR A 147 -6.73 -22.03 -24.19
CA THR A 147 -7.35 -22.60 -23.00
C THR A 147 -8.86 -22.40 -23.02
N LEU A 148 -9.33 -21.21 -23.38
CA LEU A 148 -10.77 -21.00 -23.39
C LEU A 148 -11.44 -21.92 -24.40
N ALA A 149 -10.83 -22.09 -25.58
CA ALA A 149 -11.44 -22.96 -26.57
C ALA A 149 -11.55 -24.39 -26.05
N ALA A 150 -10.49 -24.85 -25.39
CA ALA A 150 -10.48 -26.21 -24.85
C ALA A 150 -11.51 -26.37 -23.74
N LEU A 151 -11.62 -25.37 -22.85
CA LEU A 151 -12.59 -25.51 -21.77
C LEU A 151 -14.01 -25.58 -22.31
N ARG A 152 -14.30 -24.78 -23.35
CA ARG A 152 -15.64 -24.82 -23.92
C ARG A 152 -15.88 -26.14 -24.64
N THR A 153 -14.87 -26.65 -25.35
CA THR A 153 -14.98 -27.94 -26.00
C THR A 153 -15.22 -29.05 -25.00
N LEU A 154 -14.56 -28.98 -23.84
CA LEU A 154 -14.77 -29.96 -22.77
C LEU A 154 -16.01 -29.70 -21.93
N ALA A 155 -16.80 -28.67 -22.29
CA ALA A 155 -18.10 -28.39 -21.67
C ALA A 155 -17.99 -28.27 -20.16
N VAL A 156 -16.99 -27.52 -19.71
CA VAL A 156 -16.86 -27.36 -18.26
C VAL A 156 -18.11 -26.71 -17.71
N PRO A 157 -18.57 -27.10 -16.52
CA PRO A 157 -19.82 -26.55 -15.97
C PRO A 157 -19.67 -25.25 -15.20
N THR A 158 -18.45 -24.86 -14.86
CA THR A 158 -18.23 -23.60 -14.15
C THR A 158 -18.45 -22.41 -15.06
N PRO A 159 -19.17 -21.38 -14.62
CA PRO A 159 -19.19 -20.14 -15.38
C PRO A 159 -17.78 -19.60 -15.59
N LEU A 160 -17.55 -19.03 -16.77
CA LEU A 160 -16.20 -18.53 -17.11
C LEU A 160 -16.19 -16.99 -17.18
N MET A 161 -15.19 -16.41 -16.54
CA MET A 161 -15.01 -14.94 -16.62
C MET A 161 -13.68 -14.69 -17.34
N VAL A 162 -13.66 -13.72 -18.23
CA VAL A 162 -12.39 -13.35 -18.91
C VAL A 162 -12.10 -11.89 -18.54
N GLY A 163 -10.92 -11.65 -17.99
CA GLY A 163 -10.55 -10.29 -17.59
C GLY A 163 -9.40 -9.69 -18.37
N GLY A 164 -9.50 -8.41 -18.68
CA GLY A 164 -8.40 -7.67 -19.26
C GLY A 164 -8.94 -6.39 -19.84
N ASN A 165 -8.10 -5.72 -20.62
CA ASN A 165 -8.52 -4.56 -21.39
C ASN A 165 -8.01 -4.62 -22.82
N GLY A 166 -7.26 -5.66 -23.20
CA GLY A 166 -6.67 -5.67 -24.52
C GLY A 166 -7.70 -6.04 -25.58
N ASP A 167 -7.43 -5.64 -26.84
CA ASP A 167 -8.39 -5.90 -27.91
C ASP A 167 -8.62 -7.40 -28.07
N ARG A 168 -7.55 -8.18 -28.11
CA ARG A 168 -7.72 -9.62 -28.30
C ARG A 168 -8.40 -10.25 -27.11
N VAL A 169 -8.03 -9.82 -25.89
CA VAL A 169 -8.61 -10.41 -24.69
C VAL A 169 -10.11 -10.11 -24.61
N LEU A 170 -10.50 -8.85 -24.90
CA LEU A 170 -11.93 -8.54 -24.88
C LEU A 170 -12.66 -9.28 -26.01
N GLY A 171 -12.00 -9.46 -27.15
CA GLY A 171 -12.60 -10.30 -28.19
C GLY A 171 -12.81 -11.74 -27.74
N LEU A 172 -11.87 -12.28 -26.96
CA LEU A 172 -12.02 -13.63 -26.43
C LEU A 172 -13.14 -13.68 -25.38
N ALA A 173 -13.26 -12.64 -24.54
CA ALA A 173 -14.39 -12.58 -23.63
C ALA A 173 -15.70 -12.57 -24.41
N ALA A 174 -15.76 -11.75 -25.46
CA ALA A 174 -16.98 -11.65 -26.24
C ALA A 174 -17.35 -12.99 -26.83
N GLU A 175 -16.37 -13.77 -27.24
CA GLU A 175 -16.63 -15.08 -27.86
C GLU A 175 -17.00 -16.15 -26.83
N HIS A 176 -16.35 -16.18 -25.66
CA HIS A 176 -16.37 -17.36 -24.82
C HIS A 176 -16.97 -17.15 -23.43
N ALA A 177 -16.97 -15.95 -22.92
CA ALA A 177 -17.20 -15.74 -21.49
C ALA A 177 -18.68 -15.61 -21.11
N ASP A 178 -18.98 -16.04 -19.87
CA ASP A 178 -20.24 -15.67 -19.22
C ASP A 178 -20.17 -14.29 -18.57
N THR A 179 -18.98 -13.86 -18.15
CA THR A 179 -18.73 -12.59 -17.48
C THR A 179 -17.46 -12.00 -18.08
N VAL A 180 -17.51 -10.74 -18.46
CA VAL A 180 -16.31 -10.01 -18.87
C VAL A 180 -15.91 -9.05 -17.74
N SER A 181 -14.63 -9.06 -17.36
CA SER A 181 -14.11 -8.17 -16.33
C SER A 181 -13.22 -7.12 -16.96
N PHE A 182 -13.63 -5.86 -16.84
CA PHE A 182 -12.92 -4.71 -17.41
C PHE A 182 -11.96 -4.17 -16.37
N SER A 183 -10.68 -4.09 -16.73
CA SER A 183 -9.68 -3.52 -15.81
C SER A 183 -9.72 -1.99 -15.86
N GLY A 184 -9.77 -1.36 -14.70
CA GLY A 184 -9.79 0.11 -14.63
C GLY A 184 -8.39 0.66 -14.52
N ALA A 185 -7.39 -0.18 -14.81
CA ALA A 185 -5.97 0.25 -14.75
C ALA A 185 -5.09 -0.41 -15.82
N THR A 186 -3.95 0.21 -16.12
CA THR A 186 -2.96 -0.38 -17.05
C THR A 186 -1.65 -0.49 -16.29
N LEU A 196 0.27 1.42 -10.84
CA LEU A 196 -0.96 1.26 -11.66
C LEU A 196 -1.35 2.62 -12.27
N ARG A 197 -1.74 2.64 -13.54
CA ARG A 197 -2.26 3.89 -14.16
C ARG A 197 -3.78 3.73 -14.27
N MET A 198 -4.52 4.70 -13.74
CA MET A 198 -6.00 4.60 -13.75
C MET A 198 -6.53 5.05 -15.11
N ILE A 199 -7.48 4.29 -15.65
CA ILE A 199 -8.08 4.63 -16.97
C ILE A 199 -9.28 5.54 -16.72
N THR A 200 -9.44 6.57 -17.55
CA THR A 200 -10.54 7.49 -17.40
C THR A 200 -11.88 6.81 -17.73
N ALA A 201 -12.96 7.44 -17.26
CA ALA A 201 -14.30 6.98 -17.60
C ALA A 201 -14.49 6.99 -19.12
N GLU A 202 -13.87 7.94 -19.80
CA GLU A 202 -14.04 8.02 -21.25
C GLU A 202 -13.32 6.87 -21.95
N ALA A 203 -12.13 6.54 -21.49
CA ALA A 203 -11.47 5.36 -22.02
C ALA A 203 -12.28 4.11 -21.71
N MET A 204 -12.85 4.02 -20.50
CA MET A 204 -13.70 2.89 -20.18
C MET A 204 -14.92 2.81 -21.08
N ASP A 205 -15.54 3.95 -21.43
CA ASP A 205 -16.65 3.95 -22.38
C ASP A 205 -16.24 3.24 -23.66
N GLU A 206 -15.03 3.55 -24.15
CA GLU A 206 -14.56 2.97 -25.40
C GLU A 206 -14.30 1.49 -25.25
N ARG A 207 -13.76 1.05 -24.10
CA ARG A 207 -13.50 -0.38 -23.94
C ARG A 207 -14.80 -1.18 -23.87
N VAL A 208 -15.81 -0.66 -23.15
CA VAL A 208 -17.09 -1.34 -23.08
C VAL A 208 -17.76 -1.41 -24.44
N ALA A 209 -17.69 -0.31 -25.21
CA ALA A 209 -18.26 -0.30 -26.56
C ALA A 209 -17.53 -1.27 -27.49
N PHE A 210 -16.20 -1.35 -27.37
CA PHE A 210 -15.42 -2.30 -28.15
C PHE A 210 -15.87 -3.73 -27.85
N PHE A 211 -15.99 -4.07 -26.56
CA PHE A 211 -16.47 -5.38 -26.18
C PHE A 211 -17.86 -5.65 -26.77
N ALA A 212 -18.76 -4.68 -26.63
CA ALA A 212 -20.14 -4.86 -27.04
C ALA A 212 -20.24 -5.12 -28.52
N GLU A 213 -19.37 -4.46 -29.30
CA GLU A 213 -19.39 -4.64 -30.77
C GLU A 213 -18.88 -6.04 -31.13
N ARG A 214 -17.86 -6.51 -30.43
CA ARG A 214 -17.31 -7.86 -30.68
C ARG A 214 -18.35 -8.91 -30.24
N ALA A 215 -19.07 -8.61 -29.18
CA ALA A 215 -20.02 -9.61 -28.64
C ALA A 215 -21.23 -9.76 -29.56
N GLY A 216 -21.59 -8.67 -30.24
CA GLY A 216 -22.72 -8.74 -31.15
C GLY A 216 -23.97 -9.26 -30.44
N GLU A 217 -24.59 -10.27 -31.05
CA GLU A 217 -25.86 -10.79 -30.53
C GLU A 217 -25.72 -11.40 -29.14
N ARG A 218 -24.51 -11.72 -28.71
CA ARG A 218 -24.30 -12.33 -27.40
C ARG A 218 -24.12 -11.30 -26.29
N ASP A 219 -24.06 -10.01 -26.64
CA ASP A 219 -23.79 -8.95 -25.65
C ASP A 219 -24.71 -9.09 -24.43
N SER A 220 -25.99 -9.27 -24.67
CA SER A 220 -26.93 -9.28 -23.55
C SER A 220 -26.79 -10.51 -22.65
N GLN A 221 -26.04 -11.52 -23.08
CA GLN A 221 -25.85 -12.71 -22.27
C GLN A 221 -24.59 -12.67 -21.43
N VAL A 222 -23.79 -11.61 -21.51
CA VAL A 222 -22.51 -11.54 -20.82
C VAL A 222 -22.62 -10.51 -19.71
N GLU A 223 -22.43 -10.97 -18.48
CA GLU A 223 -22.36 -10.08 -17.33
C GLU A 223 -21.10 -9.24 -17.37
N ARG A 224 -21.21 -7.99 -16.94
CA ARG A 224 -20.05 -7.11 -16.92
C ARG A 224 -19.62 -6.84 -15.49
N ASN A 225 -18.33 -7.03 -15.25
CA ASN A 225 -17.67 -6.87 -13.96
C ASN A 225 -16.60 -5.79 -14.04
N THR A 226 -16.37 -5.12 -12.90
CA THR A 226 -15.12 -4.40 -12.72
C THR A 226 -14.70 -4.46 -11.27
N LEU A 227 -13.39 -4.25 -11.07
CA LEU A 227 -12.79 -4.19 -9.75
C LEU A 227 -12.54 -2.75 -9.38
N VAL A 228 -13.09 -2.33 -8.25
CA VAL A 228 -12.82 -1.02 -7.65
C VAL A 228 -11.57 -1.18 -6.81
N GLN A 229 -10.58 -0.35 -7.09
CA GLN A 229 -9.32 -0.46 -6.35
C GLN A 229 -9.39 0.18 -4.97
N SER A 230 -10.07 1.32 -4.81
CA SER A 230 -10.11 2.03 -3.55
C SER A 230 -11.52 2.49 -3.24
N VAL A 231 -11.96 2.28 -2.00
CA VAL A 231 -13.23 2.74 -1.49
C VAL A 231 -12.94 3.76 -0.40
N ILE A 232 -13.15 5.03 -0.70
CA ILE A 232 -12.66 6.12 0.13
C ILE A 232 -13.86 6.79 0.77
N ALA A 233 -14.10 6.49 2.05
CA ALA A 233 -15.17 7.14 2.78
C ALA A 233 -14.80 8.57 3.16
N THR A 234 -15.66 9.51 2.77
CA THR A 234 -15.39 10.90 3.09
C THR A 234 -16.67 11.71 3.01
N ASP A 235 -16.77 12.73 3.86
CA ASP A 235 -17.87 13.68 3.78
C ASP A 235 -17.57 14.83 2.83
N ASP A 236 -16.38 14.83 2.23
CA ASP A 236 -15.99 15.87 1.24
C ASP A 236 -15.31 15.21 0.04
N ARG A 237 -16.10 14.64 -0.86
CA ARG A 237 -15.54 13.99 -2.08
C ARG A 237 -14.70 14.99 -2.88
N ALA A 238 -15.18 16.23 -3.00
CA ALA A 238 -14.47 17.21 -3.85
C ALA A 238 -13.09 17.50 -3.29
N ALA A 239 -13.01 17.76 -1.98
CA ALA A 239 -11.71 17.98 -1.38
C ALA A 239 -10.83 16.74 -1.50
N THR A 240 -11.43 15.56 -1.36
CA THR A 240 -10.67 14.32 -1.47
C THR A 240 -10.09 14.14 -2.88
N ALA A 241 -10.93 14.34 -3.90
CA ALA A 241 -10.44 14.20 -5.27
C ALA A 241 -9.35 15.21 -5.58
N LYS A 242 -9.49 16.44 -5.08
CA LYS A 242 -8.46 17.44 -5.32
C LYS A 242 -7.12 16.98 -4.75
N ALA A 243 -7.12 16.45 -3.51
CA ALA A 243 -5.86 16.04 -2.91
C ALA A 243 -5.26 14.84 -3.64
N MET A 244 -6.14 14.01 -4.21
CA MET A 244 -5.70 12.75 -4.88
C MET A 244 -5.01 13.02 -6.23
N ARG A 245 -5.07 14.25 -6.71
CA ARG A 245 -4.36 14.59 -7.97
C ARG A 245 -2.86 14.37 -7.74
N SER A 246 -2.43 14.44 -6.49
CA SER A 246 -1.01 14.18 -6.18
C SER A 246 -0.64 12.77 -6.66
N ARG A 247 -1.51 11.79 -6.41
CA ARG A 247 -1.19 10.38 -6.75
C ARG A 247 -1.59 10.07 -8.21
N MET A 248 -2.35 10.96 -8.84
CA MET A 248 -2.76 10.77 -10.26
C MET A 248 -2.62 12.11 -10.96
N PRO A 249 -1.38 12.62 -11.15
CA PRO A 249 -1.17 13.96 -11.73
C PRO A 249 -1.70 14.09 -13.13
N TYR A 250 -1.87 13.00 -13.85
CA TYR A 250 -2.33 13.03 -15.23
C TYR A 250 -3.83 13.26 -15.34
N LEU A 251 -4.53 13.48 -14.22
CA LEU A 251 -5.98 13.62 -14.23
C LEU A 251 -6.40 14.90 -13.51
N THR A 252 -7.52 15.44 -13.94
CA THR A 252 -8.20 16.48 -13.18
C THR A 252 -9.02 15.90 -12.02
N ALA A 253 -9.39 16.75 -11.06
CA ALA A 253 -10.27 16.31 -9.98
C ALA A 253 -11.59 15.76 -10.54
N GLU A 254 -12.15 16.41 -11.56
CA GLU A 254 -13.40 15.92 -12.13
C GLU A 254 -13.23 14.53 -12.71
N GLN A 255 -12.13 14.28 -13.42
CA GLN A 255 -11.89 12.94 -13.94
C GLN A 255 -11.73 11.93 -12.80
N ILE A 256 -11.08 12.33 -11.72
CA ILE A 256 -10.89 11.43 -10.59
C ILE A 256 -12.24 11.00 -10.01
N LEU A 257 -13.16 11.94 -9.92
CA LEU A 257 -14.48 11.59 -9.41
C LEU A 257 -15.29 10.72 -10.36
N GLN A 258 -14.86 10.52 -11.60
CA GLN A 258 -15.54 9.63 -12.54
C GLN A 258 -14.76 8.35 -12.81
N LEU A 259 -13.60 8.16 -12.19
CA LEU A 259 -12.83 6.96 -12.46
C LEU A 259 -13.58 5.71 -11.99
N PRO A 260 -13.74 4.71 -12.84
CA PRO A 260 -14.52 3.54 -12.39
C PRO A 260 -13.81 2.71 -11.33
N THR A 261 -12.52 2.91 -11.13
CA THR A 261 -11.74 2.14 -10.20
C THR A 261 -11.74 2.75 -8.80
N LEU A 262 -12.40 3.88 -8.61
CA LEU A 262 -12.47 4.54 -7.31
C LEU A 262 -13.92 4.78 -6.92
N LEU A 263 -14.23 4.58 -5.64
CA LEU A 263 -15.51 5.00 -5.08
C LEU A 263 -15.20 5.96 -3.95
N ILE A 264 -15.75 7.18 -4.02
CA ILE A 264 -15.43 8.26 -3.08
C ILE A 264 -16.73 8.88 -2.59
N GLY A 265 -16.84 9.01 -1.27
CA GLY A 265 -17.92 9.75 -0.64
C GLY A 265 -18.55 8.98 0.51
N THR A 266 -19.80 9.33 0.79
CA THR A 266 -20.57 8.60 1.77
C THR A 266 -21.12 7.31 1.17
N PRO A 267 -21.59 6.40 1.99
CA PRO A 267 -22.21 5.19 1.41
C PRO A 267 -23.34 5.52 0.46
N ALA A 268 -24.18 6.50 0.80
CA ALA A 268 -25.26 6.89 -0.09
C ALA A 268 -24.73 7.41 -1.42
N GLN A 269 -23.69 8.25 -1.37
CA GLN A 269 -23.10 8.73 -2.61
C GLN A 269 -22.49 7.60 -3.43
N MET A 270 -21.80 6.67 -2.77
CA MET A 270 -21.23 5.55 -3.49
C MET A 270 -22.30 4.67 -4.12
N ALA A 271 -23.42 4.49 -3.42
CA ALA A 271 -24.50 3.68 -3.96
C ALA A 271 -25.04 4.35 -5.21
N GLU A 272 -25.22 5.66 -5.14
CA GLU A 272 -25.71 6.40 -6.30
C GLU A 272 -24.71 6.31 -7.44
N THR A 273 -23.42 6.39 -7.13
CA THR A 273 -22.41 6.28 -8.18
C THR A 273 -22.45 4.92 -8.86
N LEU A 274 -22.63 3.84 -8.08
CA LEU A 274 -22.69 2.50 -8.70
C LEU A 274 -23.93 2.35 -9.56
N LEU A 275 -25.06 2.96 -9.15
CA LEU A 275 -26.25 2.94 -9.99
C LEU A 275 -25.96 3.65 -11.31
N GLU A 276 -25.30 4.80 -11.24
CA GLU A 276 -25.01 5.53 -12.47
C GLU A 276 -24.04 4.78 -13.36
N ARG A 277 -23.10 4.06 -12.76
CA ARG A 277 -22.12 3.33 -13.55
C ARG A 277 -22.69 2.05 -14.11
N ARG A 278 -23.71 1.48 -13.47
CA ARG A 278 -24.40 0.36 -14.10
C ARG A 278 -25.12 0.84 -15.35
N GLU A 279 -25.72 2.04 -15.30
CA GLU A 279 -26.36 2.62 -16.46
C GLU A 279 -25.33 2.95 -17.54
N ARG A 280 -24.21 3.55 -17.12
CA ARG A 280 -23.26 4.07 -18.10
C ARG A 280 -22.46 2.97 -18.76
N PHE A 281 -21.95 2.05 -17.95
CA PHE A 281 -21.03 1.01 -18.41
C PHE A 281 -21.64 -0.37 -18.46
N GLY A 282 -22.78 -0.57 -17.78
CA GLY A 282 -23.37 -1.88 -17.63
C GLY A 282 -22.75 -2.69 -16.52
N PHE A 283 -21.95 -2.07 -15.64
CA PHE A 283 -21.26 -2.78 -14.56
C PHE A 283 -22.26 -3.14 -13.46
N SER A 284 -22.60 -4.42 -13.36
CA SER A 284 -23.48 -4.91 -12.30
C SER A 284 -22.75 -5.82 -11.33
N TYR A 285 -21.58 -6.33 -11.70
CA TYR A 285 -20.81 -7.24 -10.85
C TYR A 285 -19.60 -6.42 -10.43
N VAL A 286 -19.62 -5.97 -9.19
CA VAL A 286 -18.62 -5.03 -8.69
C VAL A 286 -17.84 -5.70 -7.58
N CYS A 287 -16.52 -5.75 -7.73
CA CYS A 287 -15.63 -6.24 -6.68
C CYS A 287 -14.79 -5.13 -6.08
N VAL A 288 -14.38 -5.36 -4.82
CA VAL A 288 -13.48 -4.48 -4.08
C VAL A 288 -12.34 -5.32 -3.52
N GLN A 289 -11.29 -4.64 -3.11
CA GLN A 289 -10.13 -5.32 -2.53
C GLN A 289 -10.36 -5.59 -1.04
N GLU A 290 -9.67 -6.60 -0.53
CA GLU A 290 -9.86 -7.04 0.89
C GLU A 290 -9.76 -5.87 1.87
N ARG A 291 -8.85 -4.94 1.62
CA ARG A 291 -8.60 -3.83 2.57
C ARG A 291 -9.88 -3.00 2.76
N TYR A 292 -10.78 -3.04 1.78
CA TYR A 292 -11.99 -2.19 1.82
C TYR A 292 -13.24 -3.03 2.09
N LEU A 293 -13.06 -4.27 2.58
CA LEU A 293 -14.22 -5.12 2.80
C LEU A 293 -15.25 -4.42 3.68
N ALA A 294 -14.79 -3.92 4.84
CA ALA A 294 -15.72 -3.26 5.75
C ALA A 294 -16.14 -1.90 5.25
N ALA A 295 -15.25 -1.18 4.55
CA ALA A 295 -15.58 0.15 4.05
C ALA A 295 -16.73 0.10 3.06
N PHE A 296 -16.78 -0.95 2.25
CA PHE A 296 -17.77 -1.08 1.20
C PHE A 296 -19.04 -1.76 1.68
N ALA A 297 -18.99 -2.51 2.79
CA ALA A 297 -20.17 -3.24 3.21
C ALA A 297 -21.41 -2.37 3.36
N PRO A 298 -21.34 -1.15 3.90
CA PRO A 298 -22.55 -0.28 3.95
C PRO A 298 -23.19 -0.05 2.59
N VAL A 299 -22.40 0.00 1.51
CA VAL A 299 -22.97 0.22 0.18
C VAL A 299 -23.84 -0.96 -0.20
N ILE A 300 -23.40 -2.18 0.15
CA ILE A 300 -24.22 -3.35 -0.09
C ILE A 300 -25.55 -3.22 0.65
N GLY A 301 -25.51 -2.72 1.88
CA GLY A 301 -26.75 -2.58 2.64
C GLY A 301 -27.74 -1.69 1.93
N LEU A 302 -27.25 -0.63 1.28
CA LEU A 302 -28.13 0.30 0.61
C LEU A 302 -28.61 -0.23 -0.74
N LEU A 303 -27.81 -1.03 -1.43
CA LEU A 303 -28.18 -1.49 -2.78
C LEU A 303 -28.81 -2.87 -2.70
N ARG B 25 9.05 15.53 -5.03
CA ARG B 25 9.31 14.11 -4.79
C ARG B 25 8.06 13.39 -4.30
N PRO B 26 7.77 12.21 -4.85
CA PRO B 26 6.56 11.48 -4.44
C PRO B 26 6.57 11.16 -2.97
N PHE B 27 5.38 11.17 -2.37
CA PHE B 27 5.27 10.86 -0.97
C PHE B 27 5.59 9.39 -0.71
N ARG B 28 6.19 9.12 0.44
CA ARG B 28 6.27 7.78 1.00
C ARG B 28 6.06 7.89 2.49
N PHE B 29 5.40 6.88 3.06
CA PHE B 29 4.92 7.00 4.43
C PHE B 29 5.45 5.87 5.30
N GLY B 30 5.89 6.25 6.49
CA GLY B 30 6.39 5.26 7.40
C GLY B 30 5.67 5.26 8.71
N VAL B 31 5.79 4.16 9.45
CA VAL B 31 5.26 4.09 10.81
C VAL B 31 6.39 3.57 11.68
N ASN B 32 6.63 4.28 12.80
CA ASN B 32 7.71 3.99 13.75
C ASN B 32 7.16 3.01 14.78
N LEU B 33 7.52 1.75 14.62
CA LEU B 33 7.06 0.68 15.50
C LEU B 33 8.12 0.38 16.54
N VAL B 34 7.68 0.01 17.74
CA VAL B 34 8.62 -0.26 18.83
C VAL B 34 8.55 -1.75 19.14
N PRO B 35 9.53 -2.53 18.71
CA PRO B 35 9.50 -3.97 19.03
C PRO B 35 9.85 -4.14 20.49
N THR B 36 8.89 -4.60 21.30
CA THR B 36 9.03 -4.51 22.75
C THR B 36 9.30 -5.87 23.36
N PRO B 37 10.35 -6.00 24.17
CA PRO B 37 10.57 -7.27 24.85
C PRO B 37 9.38 -7.65 25.68
N GLY B 38 9.07 -8.94 25.66
CA GLY B 38 7.97 -9.48 26.43
C GLY B 38 6.62 -9.39 25.76
N VAL B 39 6.51 -8.70 24.63
CA VAL B 39 5.29 -8.56 23.86
C VAL B 39 5.39 -9.49 22.66
N SER B 40 4.32 -10.24 22.39
CA SER B 40 4.37 -11.29 21.38
C SER B 40 3.69 -10.88 20.07
N SER B 41 3.43 -9.59 19.87
CA SER B 41 2.63 -9.15 18.74
C SER B 41 3.46 -8.60 17.59
N TRP B 42 4.79 -8.74 17.61
CA TRP B 42 5.62 -8.03 16.64
C TRP B 42 5.23 -8.34 15.20
N ARG B 43 5.23 -9.62 14.85
CA ARG B 43 4.96 -9.99 13.47
C ARG B 43 3.57 -9.52 13.03
N GLU B 44 2.57 -9.66 13.90
CA GLU B 44 1.23 -9.20 13.55
C GLU B 44 1.19 -7.69 13.34
N THR B 45 1.92 -6.95 14.17
CA THR B 45 1.97 -5.50 13.99
C THR B 45 2.60 -5.13 12.66
N CYS B 46 3.66 -5.84 12.27
CA CYS B 46 4.31 -5.54 11.00
C CYS B 46 3.38 -5.82 9.82
N ARG B 47 2.65 -6.94 9.88
CA ARG B 47 1.65 -7.22 8.84
C ARG B 47 0.61 -6.12 8.75
N THR B 48 0.14 -5.64 9.91
CA THR B 48 -0.86 -4.59 9.92
C THR B 48 -0.34 -3.33 9.27
N ALA B 49 0.91 -2.96 9.58
CA ALA B 49 1.50 -1.79 8.93
C ALA B 49 1.50 -1.94 7.41
N GLU B 50 1.93 -3.09 6.91
CA GLU B 50 1.94 -3.28 5.46
C GLU B 50 0.54 -3.28 4.89
N GLN B 51 -0.39 -3.98 5.54
CA GLN B 51 -1.74 -4.08 5.00
C GLN B 51 -2.44 -2.72 4.99
N SER B 52 -2.03 -1.81 5.87
CA SER B 52 -2.61 -0.48 5.97
C SER B 52 -2.02 0.51 4.98
N GLY B 53 -1.07 0.07 4.14
CA GLY B 53 -0.53 0.89 3.07
C GLY B 53 0.77 1.62 3.39
N TYR B 54 1.35 1.42 4.56
CA TYR B 54 2.63 2.10 4.82
C TYR B 54 3.71 1.60 3.87
N ASP B 55 4.61 2.51 3.49
CA ASP B 55 5.74 2.19 2.64
C ASP B 55 6.96 1.72 3.40
N VAL B 56 7.06 2.12 4.66
CA VAL B 56 8.24 1.90 5.48
C VAL B 56 7.83 1.53 6.89
N ILE B 57 8.49 0.52 7.44
CA ILE B 57 8.48 0.25 8.87
C ILE B 57 9.80 0.75 9.43
N ALA B 58 9.72 1.61 10.45
CA ALA B 58 10.88 2.16 11.13
C ALA B 58 10.95 1.58 12.53
N VAL B 59 12.18 1.32 13.01
CA VAL B 59 12.40 0.84 14.37
C VAL B 59 13.45 1.70 15.06
N PRO B 60 13.36 1.86 16.37
CA PRO B 60 14.36 2.63 17.10
C PRO B 60 15.54 1.79 17.54
N ASP B 61 16.53 2.49 18.10
CA ASP B 61 17.76 1.90 18.63
C ASP B 61 17.89 2.39 20.05
N ALA B 62 17.40 1.60 21.01
CA ALA B 62 17.38 2.03 22.40
C ALA B 62 17.55 0.82 23.31
N LEU B 63 18.10 1.05 24.48
CA LEU B 63 18.13 0.00 25.49
C LEU B 63 16.71 -0.27 25.97
N GLY B 64 16.44 -1.53 26.26
CA GLY B 64 15.10 -1.93 26.67
C GLY B 64 14.12 -2.14 25.53
N VAL B 65 14.56 -1.91 24.29
CA VAL B 65 13.79 -2.19 23.09
C VAL B 65 14.53 -3.33 22.38
N HIS B 66 13.79 -4.09 21.59
CA HIS B 66 14.43 -5.14 20.83
C HIS B 66 15.55 -4.57 19.95
N SER B 67 16.57 -5.38 19.74
CA SER B 67 17.68 -5.01 18.87
C SER B 67 17.20 -4.75 17.45
N PRO B 68 17.63 -3.66 16.80
CA PRO B 68 16.92 -3.22 15.59
C PRO B 68 17.06 -4.12 14.37
N PHE B 69 18.28 -4.56 14.03
CA PHE B 69 18.42 -5.38 12.83
C PHE B 69 17.75 -6.74 12.99
N ILE B 70 17.80 -7.29 14.20
CA ILE B 70 17.14 -8.57 14.42
C ILE B 70 15.64 -8.40 14.28
N ALA B 71 15.10 -7.33 14.84
CA ALA B 71 13.65 -7.07 14.73
C ALA B 71 13.26 -6.85 13.27
N MET B 72 14.12 -6.16 12.52
CA MET B 72 13.84 -5.87 11.10
C MET B 72 13.80 -7.19 10.30
N MET B 73 14.67 -8.13 10.66
CA MET B 73 14.64 -9.44 9.98
C MET B 73 13.29 -10.12 10.26
N ALA B 74 12.81 -10.04 11.50
CA ALA B 74 11.52 -10.66 11.79
C ALA B 74 10.44 -9.97 11.01
N ALA B 75 10.53 -8.65 10.84
CA ALA B 75 9.56 -7.91 10.04
C ALA B 75 9.64 -8.29 8.57
N ALA B 76 10.86 -8.45 8.05
CA ALA B 76 11.00 -8.79 6.64
C ALA B 76 10.38 -10.16 6.33
N ALA B 77 10.38 -11.06 7.30
CA ALA B 77 9.92 -12.41 7.04
C ALA B 77 8.41 -12.50 6.88
N VAL B 78 7.66 -11.50 7.35
CA VAL B 78 6.22 -11.51 7.31
C VAL B 78 5.65 -10.37 6.46
N THR B 79 6.51 -9.63 5.77
CA THR B 79 6.08 -8.59 4.83
C THR B 79 6.75 -8.80 3.48
N GLU B 80 6.15 -8.24 2.45
CA GLU B 80 6.65 -8.39 1.09
C GLU B 80 7.11 -7.09 0.46
N ARG B 81 6.52 -5.96 0.81
CA ARG B 81 6.67 -4.72 0.06
C ARG B 81 7.39 -3.62 0.84
N VAL B 82 7.12 -3.50 2.14
CA VAL B 82 7.63 -2.34 2.87
C VAL B 82 9.16 -2.33 2.89
N GLN B 83 9.71 -1.12 2.90
CA GLN B 83 11.10 -0.96 3.29
C GLN B 83 11.20 -1.00 4.81
N LEU B 84 12.37 -1.33 5.30
CA LEU B 84 12.65 -1.43 6.72
C LEU B 84 13.81 -0.50 7.04
N THR B 85 13.62 0.40 8.02
CA THR B 85 14.67 1.35 8.36
C THR B 85 14.90 1.46 9.87
N THR B 86 16.14 1.75 10.24
CA THR B 86 16.42 2.24 11.58
C THR B 86 16.09 3.72 11.66
N PHE B 87 15.54 4.14 12.81
CA PHE B 87 15.04 5.47 12.97
C PHE B 87 15.22 5.93 14.41
N VAL B 88 16.44 6.35 14.79
CA VAL B 88 17.69 6.20 14.05
C VAL B 88 18.69 5.46 14.98
N LEU B 89 19.71 4.87 14.37
CA LEU B 89 20.77 4.26 15.17
C LEU B 89 21.44 5.28 16.02
N ASN B 90 21.73 4.89 17.27
CA ASN B 90 22.56 5.67 18.15
C ASN B 90 24.02 5.39 17.78
N SER B 91 24.73 6.37 17.19
CA SER B 91 26.05 6.07 16.64
C SER B 91 27.01 5.56 17.71
N ALA B 92 26.77 5.90 18.99
CA ALA B 92 27.67 5.43 20.03
C ALA B 92 27.59 3.93 20.25
N PHE B 93 26.50 3.31 19.83
CA PHE B 93 26.26 1.89 20.06
C PHE B 93 26.95 0.96 19.04
N TRP B 94 27.58 1.51 17.99
CA TRP B 94 28.03 0.71 16.85
C TRP B 94 29.49 0.99 16.46
N ASN B 95 30.24 -0.07 16.26
CA ASN B 95 31.55 0.03 15.64
C ASN B 95 31.33 0.15 14.14
N PRO B 96 31.94 1.13 13.47
CA PRO B 96 31.56 1.35 12.07
C PRO B 96 31.81 0.15 11.18
N VAL B 97 32.91 -0.56 11.38
CA VAL B 97 33.24 -1.69 10.53
C VAL B 97 32.27 -2.84 10.78
N LEU B 98 31.89 -3.05 12.04
CA LEU B 98 30.91 -4.09 12.34
C LEU B 98 29.52 -3.66 11.92
N LEU B 99 29.20 -2.38 12.00
CA LEU B 99 27.91 -1.92 11.46
C LEU B 99 27.86 -2.13 9.94
N ALA B 100 28.95 -1.85 9.26
CA ALA B 100 28.98 -2.10 7.83
C ALA B 100 28.71 -3.57 7.54
N ARG B 101 29.24 -4.47 8.39
CA ARG B 101 28.98 -5.91 8.22
C ARG B 101 27.49 -6.21 8.39
N ASP B 102 26.87 -5.61 9.41
CA ASP B 102 25.43 -5.75 9.62
C ASP B 102 24.63 -5.26 8.43
N LEU B 103 24.99 -4.09 7.88
CA LEU B 103 24.19 -3.48 6.82
C LEU B 103 24.30 -4.27 5.53
N LEU B 104 25.52 -4.75 5.19
CA LEU B 104 25.64 -5.61 4.01
C LEU B 104 24.78 -6.85 4.18
N THR B 105 24.79 -7.45 5.36
CA THR B 105 24.03 -8.67 5.59
C THR B 105 22.53 -8.39 5.52
N ALA B 106 22.09 -7.33 6.18
CA ALA B 106 20.66 -7.01 6.16
C ALA B 106 20.19 -6.75 4.74
N HIS B 107 20.98 -6.01 3.96
CA HIS B 107 20.67 -5.76 2.56
C HIS B 107 20.55 -7.06 1.78
N GLU B 108 21.60 -7.88 1.79
CA GLU B 108 21.58 -9.04 0.92
C GLU B 108 20.52 -10.05 1.37
N LEU B 109 20.31 -10.23 2.68
CA LEU B 109 19.45 -11.30 3.13
C LEU B 109 17.98 -10.89 3.16
N THR B 110 17.66 -9.63 2.85
CA THR B 110 16.27 -9.19 2.68
C THR B 110 15.96 -8.88 1.23
N GLY B 111 16.90 -9.05 0.33
CA GLY B 111 16.67 -8.66 -1.05
C GLY B 111 16.65 -7.17 -1.26
N GLY B 112 17.40 -6.42 -0.44
CA GLY B 112 17.59 -5.00 -0.64
C GLY B 112 16.53 -4.12 -0.04
N ARG B 113 15.95 -4.51 1.09
CA ARG B 113 14.80 -3.81 1.65
C ARG B 113 15.13 -2.94 2.84
N VAL B 114 16.41 -2.79 3.18
CA VAL B 114 16.83 -2.16 4.42
C VAL B 114 17.48 -0.81 4.15
N GLU B 115 17.07 0.18 4.94
CA GLU B 115 17.71 1.50 4.99
C GLU B 115 18.20 1.76 6.39
N ALA B 116 19.25 2.57 6.51
CA ALA B 116 19.90 2.83 7.77
C ALA B 116 19.79 4.31 8.09
N GLY B 117 18.94 4.66 9.04
CA GLY B 117 18.97 5.99 9.62
C GLY B 117 19.91 6.00 10.82
N LEU B 118 20.70 7.07 10.92
CA LEU B 118 21.71 7.21 11.97
C LEU B 118 21.62 8.60 12.59
N GLY B 119 21.88 8.66 13.89
CA GLY B 119 22.01 9.95 14.55
C GLY B 119 22.99 9.86 15.71
N THR B 120 22.98 10.90 16.53
CA THR B 120 23.82 10.89 17.73
C THR B 120 22.95 10.38 18.84
N GLY B 121 23.54 9.82 19.88
CA GLY B 121 22.74 9.43 21.04
C GLY B 121 22.38 10.67 21.85
N TYR B 122 21.21 10.67 22.47
CA TYR B 122 20.78 11.89 23.19
C TYR B 122 20.52 11.57 24.67
N VAL B 123 20.57 10.30 25.07
CA VAL B 123 20.24 9.91 26.47
C VAL B 123 21.50 9.43 27.21
N ARG B 124 22.01 10.25 28.11
CA ARG B 124 23.28 9.92 28.82
C ARG B 124 23.12 8.60 29.59
N ALA B 125 21.95 8.35 30.15
CA ALA B 125 21.76 7.14 30.99
C ALA B 125 22.05 5.88 30.19
N GLU B 126 21.70 5.90 28.92
CA GLU B 126 22.00 4.73 28.10
C GLU B 126 23.50 4.58 27.89
N PHE B 127 24.23 5.68 27.70
CA PHE B 127 25.68 5.57 27.64
C PHE B 127 26.22 4.98 28.94
N GLU B 128 25.76 5.49 30.08
CA GLU B 128 26.25 5.02 31.37
C GLU B 128 25.95 3.53 31.54
N THR B 129 24.72 3.10 31.21
CA THR B 129 24.36 1.70 31.40
C THR B 129 25.23 0.79 30.54
N ALA B 130 25.52 1.21 29.30
CA ALA B 130 26.31 0.42 28.37
C ALA B 130 27.79 0.61 28.52
N GLY B 131 28.24 1.43 29.47
CA GLY B 131 29.67 1.60 29.66
C GLY B 131 30.33 2.42 28.58
N LEU B 132 29.60 3.37 27.99
CA LEU B 132 30.12 4.17 26.89
C LEU B 132 30.42 5.59 27.37
N ASP B 133 31.38 6.22 26.72
CA ASP B 133 31.85 7.56 27.09
C ASP B 133 30.90 8.61 26.51
N TRP B 134 30.21 9.33 27.40
CA TRP B 134 29.30 10.39 26.97
C TRP B 134 30.05 11.50 26.26
N GLY B 135 31.26 11.78 26.70
CA GLY B 135 32.04 12.78 25.99
C GLY B 135 31.43 14.17 26.06
N THR B 136 31.46 14.83 24.93
CA THR B 136 30.86 16.15 24.77
C THR B 136 29.89 16.05 23.61
N ALA B 137 29.03 17.06 23.47
CA ALA B 137 28.08 17.07 22.37
C ALA B 137 28.82 16.98 21.02
N GLY B 138 29.93 17.69 20.90
CA GLY B 138 30.71 17.65 19.68
C GLY B 138 31.32 16.28 19.44
N THR B 139 31.80 15.63 20.50
CA THR B 139 32.39 14.31 20.34
C THR B 139 31.34 13.32 19.86
N ARG B 140 30.12 13.47 20.36
CA ARG B 140 29.04 12.60 19.92
C ARG B 140 28.70 12.85 18.45
N VAL B 141 28.77 14.10 18.00
CA VAL B 141 28.55 14.34 16.57
C VAL B 141 29.69 13.77 15.73
N THR B 142 30.93 13.91 16.20
CA THR B 142 32.06 13.34 15.47
C THR B 142 31.93 11.83 15.33
N ARG B 143 31.38 11.16 16.35
CA ARG B 143 31.13 9.72 16.25
C ARG B 143 30.21 9.43 15.07
N LEU B 144 29.16 10.23 14.92
CA LEU B 144 28.30 10.09 13.76
C LEU B 144 29.06 10.37 12.47
N ALA B 145 29.81 11.47 12.43
CA ALA B 145 30.56 11.82 11.23
C ALA B 145 31.53 10.72 10.84
N ASP B 146 32.24 10.15 11.83
CA ASP B 146 33.20 9.10 11.53
C ASP B 146 32.52 7.83 11.04
N THR B 147 31.36 7.51 11.60
CA THR B 147 30.62 6.35 11.10
C THR B 147 30.13 6.56 9.69
N LEU B 148 29.57 7.73 9.40
CA LEU B 148 29.08 7.98 8.06
C LEU B 148 30.22 7.84 7.05
N ALA B 149 31.38 8.45 7.35
CA ALA B 149 32.50 8.38 6.43
C ALA B 149 32.95 6.94 6.21
N ALA B 150 33.02 6.15 7.29
CA ALA B 150 33.40 4.75 7.18
C ALA B 150 32.41 3.95 6.36
N LEU B 151 31.10 4.13 6.60
CA LEU B 151 30.09 3.40 5.82
C LEU B 151 30.19 3.72 4.34
N ARG B 152 30.43 4.99 3.99
CA ARG B 152 30.58 5.32 2.57
C ARG B 152 31.87 4.75 1.99
N THR B 153 32.96 4.75 2.77
CA THR B 153 34.21 4.14 2.31
C THR B 153 34.07 2.64 2.10
N LEU B 154 33.26 1.97 2.90
CA LEU B 154 32.99 0.54 2.75
C LEU B 154 31.88 0.28 1.74
N ALA B 155 31.30 1.34 1.17
CA ALA B 155 30.28 1.25 0.12
C ALA B 155 29.12 0.37 0.55
N VAL B 156 28.60 0.67 1.74
CA VAL B 156 27.43 -0.09 2.20
C VAL B 156 26.28 0.09 1.22
N PRO B 157 25.52 -0.96 0.93
CA PRO B 157 24.46 -0.84 -0.09
C PRO B 157 23.15 -0.29 0.42
N THR B 158 23.00 -0.16 1.70
CA THR B 158 21.78 0.37 2.32
C THR B 158 21.72 1.89 2.15
N PRO B 159 20.61 2.44 1.65
CA PRO B 159 20.47 3.90 1.69
C PRO B 159 20.67 4.39 3.13
N LEU B 160 21.27 5.58 3.24
CA LEU B 160 21.58 6.15 4.57
C LEU B 160 20.70 7.38 4.85
N MET B 161 20.13 7.42 6.04
CA MET B 161 19.35 8.60 6.46
C MET B 161 20.08 9.19 7.67
N VAL B 162 20.12 10.53 7.72
CA VAL B 162 20.79 11.20 8.87
C VAL B 162 19.74 12.08 9.55
N GLY B 163 19.62 11.90 10.87
CA GLY B 163 18.65 12.66 11.63
C GLY B 163 19.29 13.54 12.68
N GLY B 164 18.67 14.70 12.90
CA GLY B 164 19.14 15.65 13.88
C GLY B 164 19.12 17.04 13.30
N ASN B 165 18.82 18.04 14.13
CA ASN B 165 18.65 19.39 13.65
C ASN B 165 19.85 20.28 13.87
N GLY B 166 20.92 19.80 14.49
CA GLY B 166 22.05 20.65 14.75
C GLY B 166 22.77 21.06 13.48
N ASP B 167 23.48 22.19 13.54
CA ASP B 167 24.16 22.70 12.34
C ASP B 167 25.08 21.66 11.73
N ARG B 168 25.93 21.06 12.56
CA ARG B 168 26.92 20.13 12.02
C ARG B 168 26.26 18.87 11.51
N VAL B 169 25.23 18.40 12.20
CA VAL B 169 24.57 17.16 11.81
C VAL B 169 23.87 17.36 10.48
N LEU B 170 23.18 18.48 10.31
CA LEU B 170 22.59 18.77 9.01
C LEU B 170 23.66 18.88 7.92
N GLY B 171 24.83 19.41 8.26
CA GLY B 171 25.92 19.39 7.30
C GLY B 171 26.34 17.99 6.93
N LEU B 172 26.35 17.09 7.91
CA LEU B 172 26.71 15.71 7.63
C LEU B 172 25.66 15.06 6.75
N ALA B 173 24.38 15.38 6.98
CA ALA B 173 23.34 14.84 6.12
C ALA B 173 23.53 15.33 4.69
N ALA B 174 23.81 16.63 4.55
CA ALA B 174 24.04 17.20 3.23
C ALA B 174 25.22 16.54 2.52
N GLU B 175 26.24 16.15 3.26
CA GLU B 175 27.41 15.56 2.63
C GLU B 175 27.20 14.09 2.28
N HIS B 176 26.60 13.32 3.19
CA HIS B 176 26.65 11.86 3.14
C HIS B 176 25.33 11.17 2.85
N ALA B 177 24.19 11.82 3.10
CA ALA B 177 22.95 11.06 3.26
C ALA B 177 22.16 10.99 1.96
N ASP B 178 21.43 9.88 1.80
CA ASP B 178 20.37 9.82 0.81
C ASP B 178 19.09 10.53 1.27
N THR B 179 18.87 10.56 2.59
CA THR B 179 17.68 11.16 3.20
C THR B 179 18.13 11.96 4.42
N VAL B 180 17.61 13.17 4.58
CA VAL B 180 17.79 13.95 5.81
C VAL B 180 16.46 13.94 6.57
N SER B 181 16.52 13.69 7.87
CA SER B 181 15.35 13.68 8.75
C SER B 181 15.42 14.89 9.67
N PHE B 182 14.40 15.74 9.58
CA PHE B 182 14.26 16.92 10.43
C PHE B 182 13.34 16.58 11.59
N SER B 183 13.75 17.02 12.78
CA SER B 183 12.92 16.81 13.98
C SER B 183 11.96 17.98 14.17
N GLY B 184 10.70 17.70 14.50
CA GLY B 184 9.71 18.76 14.70
C GLY B 184 9.47 19.01 16.17
N ALA B 185 10.17 18.25 17.01
CA ALA B 185 10.02 18.39 18.46
C ALA B 185 11.33 17.99 19.13
N THR B 186 12.02 18.96 19.72
CA THR B 186 13.29 18.71 20.42
C THR B 186 13.03 18.45 21.89
N MET B 198 8.30 21.75 20.85
CA MET B 198 7.53 21.83 19.58
C MET B 198 8.10 22.93 18.69
N ILE B 199 8.63 22.56 17.52
CA ILE B 199 9.30 23.55 16.63
C ILE B 199 8.24 24.25 15.78
N THR B 200 8.29 25.58 15.72
CA THR B 200 7.37 26.36 14.90
C THR B 200 7.68 26.18 13.43
N ALA B 201 6.70 26.43 12.58
CA ALA B 201 6.93 26.35 11.12
C ALA B 201 8.03 27.33 10.72
N GLU B 202 8.04 28.49 11.39
CA GLU B 202 9.08 29.48 11.09
C GLU B 202 10.47 28.97 11.49
N ALA B 203 10.57 28.34 12.67
CA ALA B 203 11.85 27.73 13.05
C ALA B 203 12.23 26.61 12.09
N MET B 204 11.26 25.81 11.67
CA MET B 204 11.56 24.74 10.73
C MET B 204 12.06 25.34 9.39
N ASP B 205 11.46 26.44 8.93
CA ASP B 205 11.94 27.13 7.72
C ASP B 205 13.43 27.37 7.82
N GLU B 206 13.88 27.86 8.98
CA GLU B 206 15.28 28.21 9.13
C GLU B 206 16.16 26.98 9.08
N ARG B 207 15.73 25.87 9.68
CA ARG B 207 16.52 24.65 9.64
C ARG B 207 16.58 24.06 8.23
N VAL B 208 15.44 24.04 7.51
CA VAL B 208 15.46 23.53 6.14
C VAL B 208 16.34 24.40 5.26
N ALA B 209 16.25 25.71 5.43
CA ALA B 209 17.09 26.63 4.65
C ALA B 209 18.57 26.41 4.95
N PHE B 210 18.90 26.14 6.22
CA PHE B 210 20.29 25.85 6.60
C PHE B 210 20.77 24.59 5.90
N PHE B 211 19.96 23.53 5.96
CA PHE B 211 20.32 22.30 5.27
C PHE B 211 20.53 22.55 3.77
N ALA B 212 19.59 23.26 3.14
CA ALA B 212 19.65 23.46 1.69
C ALA B 212 20.93 24.17 1.28
N GLU B 213 21.36 25.14 2.08
CA GLU B 213 22.60 25.86 1.81
C GLU B 213 23.80 24.92 1.90
N ARG B 214 23.80 24.03 2.90
CA ARG B 214 24.90 23.09 3.03
C ARG B 214 24.89 22.07 1.91
N ALA B 215 23.70 21.67 1.48
CA ALA B 215 23.63 20.66 0.43
C ALA B 215 24.04 21.19 -0.92
N GLY B 216 23.78 22.46 -1.18
CA GLY B 216 24.14 23.04 -2.46
C GLY B 216 23.60 22.26 -3.64
N GLU B 217 24.47 21.94 -4.60
CA GLU B 217 24.04 21.24 -5.83
C GLU B 217 23.60 19.79 -5.56
N ARG B 218 23.79 19.27 -4.36
CA ARG B 218 23.30 17.90 -4.03
C ARG B 218 21.85 17.95 -3.51
N ASP B 219 21.33 19.14 -3.26
CA ASP B 219 19.99 19.29 -2.63
C ASP B 219 18.94 18.40 -3.31
N SER B 220 18.88 18.44 -4.64
CA SER B 220 17.83 17.72 -5.34
C SER B 220 17.96 16.21 -5.20
N GLN B 221 19.11 15.72 -4.75
CA GLN B 221 19.36 14.30 -4.59
C GLN B 221 19.07 13.78 -3.19
N VAL B 222 18.69 14.65 -2.25
CA VAL B 222 18.48 14.24 -0.86
C VAL B 222 16.99 14.33 -0.56
N GLU B 223 16.39 13.18 -0.24
CA GLU B 223 15.02 13.12 0.23
C GLU B 223 14.92 13.75 1.61
N ARG B 224 13.79 14.40 1.89
CA ARG B 224 13.56 15.05 3.16
C ARG B 224 12.43 14.35 3.92
N ASN B 225 12.74 13.97 5.15
CA ASN B 225 11.86 13.24 6.06
C ASN B 225 11.54 14.06 7.29
N THR B 226 10.35 13.81 7.83
CA THR B 226 10.04 14.25 9.18
C THR B 226 9.13 13.22 9.84
N LEU B 227 9.15 13.25 11.17
CA LEU B 227 8.29 12.41 12.00
C LEU B 227 7.19 13.32 12.55
N VAL B 228 5.95 13.00 12.24
CA VAL B 228 4.79 13.63 12.85
C VAL B 228 4.54 12.97 14.20
N GLN B 229 4.58 13.75 15.27
CA GLN B 229 4.45 13.16 16.59
C GLN B 229 3.00 12.88 16.97
N SER B 230 2.05 13.64 16.43
CA SER B 230 0.65 13.41 16.82
C SER B 230 -0.27 13.65 15.64
N VAL B 231 -1.19 12.72 15.44
CA VAL B 231 -2.17 12.72 14.36
C VAL B 231 -3.54 12.82 15.02
N ILE B 232 -4.12 14.03 15.04
CA ILE B 232 -5.33 14.31 15.81
C ILE B 232 -6.50 14.37 14.83
N ALA B 233 -7.28 13.28 14.75
CA ALA B 233 -8.45 13.25 13.88
C ALA B 233 -9.56 14.04 14.55
N THR B 234 -10.10 15.00 13.81
CA THR B 234 -11.16 15.84 14.33
C THR B 234 -11.98 16.41 13.16
N ASP B 235 -13.29 16.53 13.38
CA ASP B 235 -14.15 17.19 12.40
C ASP B 235 -14.19 18.69 12.60
N ASP B 236 -13.52 19.22 13.64
CA ASP B 236 -13.48 20.66 13.89
C ASP B 236 -12.05 21.02 14.26
N ARG B 237 -11.18 21.07 13.25
CA ARG B 237 -9.77 21.35 13.47
C ARG B 237 -9.57 22.71 14.12
N ALA B 238 -10.39 23.70 13.77
CA ALA B 238 -10.23 25.04 14.34
C ALA B 238 -10.48 25.01 15.84
N ALA B 239 -11.58 24.40 16.27
CA ALA B 239 -11.87 24.33 17.70
C ALA B 239 -10.82 23.49 18.44
N THR B 240 -10.39 22.38 17.83
CA THR B 240 -9.37 21.55 18.46
C THR B 240 -8.10 22.35 18.69
N ALA B 241 -7.67 23.13 17.71
CA ALA B 241 -6.45 23.96 17.83
C ALA B 241 -6.65 25.00 18.94
N LYS B 242 -7.80 25.67 18.95
CA LYS B 242 -8.10 26.71 19.97
C LYS B 242 -8.03 26.06 21.35
N ALA B 243 -8.58 24.87 21.50
CA ALA B 243 -8.59 24.14 22.79
C ALA B 243 -7.18 23.68 23.17
N MET B 244 -6.35 23.32 22.20
CA MET B 244 -5.00 22.84 22.47
C MET B 244 -4.09 23.95 22.99
N ARG B 245 -4.53 25.20 22.93
CA ARG B 245 -3.75 26.30 23.53
C ARG B 245 -3.68 26.06 25.05
N SER B 246 -4.57 25.21 25.58
CA SER B 246 -4.54 24.83 27.01
C SER B 246 -3.17 24.26 27.38
N ARG B 247 -2.59 23.42 26.50
CA ARG B 247 -1.29 22.79 26.80
C ARG B 247 -0.18 23.51 26.03
N MET B 248 -0.52 24.48 25.18
CA MET B 248 0.50 25.28 24.47
C MET B 248 0.06 26.74 24.51
N PRO B 249 0.03 27.37 25.70
CA PRO B 249 -0.48 28.73 25.85
C PRO B 249 0.40 29.75 25.13
N TYR B 250 1.69 29.45 24.99
CA TYR B 250 2.64 30.33 24.30
C TYR B 250 2.45 30.34 22.79
N LEU B 251 1.59 29.47 22.25
CA LEU B 251 1.37 29.38 20.81
C LEU B 251 -0.06 29.79 20.51
N THR B 252 -0.24 30.47 19.39
CA THR B 252 -1.58 30.77 18.89
C THR B 252 -2.19 29.53 18.26
N ALA B 253 -3.50 29.59 18.02
CA ALA B 253 -4.18 28.47 17.36
C ALA B 253 -3.65 28.26 15.94
N GLU B 254 -3.40 29.35 15.22
CA GLU B 254 -2.82 29.23 13.89
C GLU B 254 -1.43 28.62 13.98
N GLN B 255 -0.61 29.07 14.94
CA GLN B 255 0.72 28.48 15.10
C GLN B 255 0.64 26.98 15.35
N ILE B 256 -0.32 26.55 16.16
CA ILE B 256 -0.51 25.13 16.42
C ILE B 256 -0.91 24.42 15.14
N LEU B 257 -1.78 25.04 14.33
CA LEU B 257 -2.18 24.45 13.06
C LEU B 257 -1.07 24.42 12.02
N GLN B 258 0.07 25.07 12.27
CA GLN B 258 1.22 25.10 11.33
C GLN B 258 2.42 24.30 11.89
N LEU B 259 2.31 23.78 13.10
CA LEU B 259 3.41 22.98 13.71
C LEU B 259 3.67 21.77 12.80
N PRO B 260 4.87 21.60 12.25
CA PRO B 260 5.11 20.51 11.32
C PRO B 260 4.97 19.10 11.96
N THR B 261 5.04 18.98 13.28
CA THR B 261 4.98 17.68 13.92
C THR B 261 3.57 17.32 14.38
N LEU B 262 2.59 18.18 14.08
CA LEU B 262 1.18 17.91 14.37
C LEU B 262 0.38 17.87 13.07
N LEU B 263 -0.52 16.89 12.94
CA LEU B 263 -1.49 16.83 11.84
C LEU B 263 -2.86 16.81 12.48
N ILE B 264 -3.71 17.77 12.12
CA ILE B 264 -5.00 17.93 12.77
C ILE B 264 -6.09 18.06 11.72
N GLY B 265 -7.17 17.27 11.85
CA GLY B 265 -8.36 17.45 11.05
C GLY B 265 -8.87 16.15 10.46
N THR B 266 -9.60 16.28 9.37
CA THR B 266 -10.09 15.14 8.62
C THR B 266 -8.99 14.60 7.71
N PRO B 267 -9.18 13.40 7.14
CA PRO B 267 -8.13 12.91 6.22
C PRO B 267 -7.84 13.83 5.06
N ALA B 268 -8.87 14.44 4.48
CA ALA B 268 -8.64 15.35 3.37
C ALA B 268 -7.88 16.59 3.82
N GLN B 269 -8.20 17.10 5.02
CA GLN B 269 -7.48 18.25 5.56
C GLN B 269 -6.02 17.91 5.84
N MET B 270 -5.79 16.74 6.44
CA MET B 270 -4.43 16.29 6.72
C MET B 270 -3.67 16.12 5.42
N ALA B 271 -4.30 15.54 4.40
CA ALA B 271 -3.61 15.41 3.12
C ALA B 271 -3.23 16.78 2.56
N GLU B 272 -4.17 17.75 2.57
CA GLU B 272 -3.85 19.07 2.05
C GLU B 272 -2.74 19.71 2.87
N THR B 273 -2.74 19.49 4.18
CA THR B 273 -1.66 19.99 5.01
C THR B 273 -0.32 19.39 4.60
N LEU B 274 -0.27 18.07 4.40
CA LEU B 274 1.00 17.46 3.98
C LEU B 274 1.43 17.97 2.61
N LEU B 275 0.47 18.22 1.71
CA LEU B 275 0.81 18.76 0.42
C LEU B 275 1.42 20.15 0.56
N GLU B 276 0.85 20.97 1.45
CA GLU B 276 1.38 22.31 1.65
C GLU B 276 2.76 22.24 2.28
N ARG B 277 2.97 21.26 3.17
CA ARG B 277 4.26 21.14 3.82
C ARG B 277 5.33 20.55 2.90
N ARG B 278 4.91 19.75 1.90
CA ARG B 278 5.88 19.32 0.89
C ARG B 278 6.34 20.52 0.06
N GLU B 279 5.42 21.44 -0.27
CA GLU B 279 5.84 22.67 -0.96
C GLU B 279 6.73 23.52 -0.06
N ARG B 280 6.34 23.72 1.19
CA ARG B 280 7.03 24.70 2.02
C ARG B 280 8.39 24.20 2.50
N PHE B 281 8.43 22.95 2.97
CA PHE B 281 9.62 22.40 3.59
C PHE B 281 10.31 21.34 2.75
N GLY B 282 9.66 20.83 1.72
CA GLY B 282 10.21 19.73 0.96
C GLY B 282 9.95 18.37 1.56
N PHE B 283 9.11 18.27 2.58
CA PHE B 283 8.92 16.99 3.28
C PHE B 283 8.05 16.07 2.44
N SER B 284 8.64 14.98 1.94
CA SER B 284 7.90 14.01 1.16
C SER B 284 7.86 12.64 1.81
N TYR B 285 8.76 12.38 2.75
CA TYR B 285 8.87 11.12 3.47
C TYR B 285 8.40 11.42 4.88
N VAL B 286 7.19 10.98 5.17
CA VAL B 286 6.49 11.35 6.41
C VAL B 286 6.27 10.08 7.22
N CYS B 287 6.73 10.10 8.47
CA CYS B 287 6.47 9.02 9.41
C CYS B 287 5.56 9.48 10.53
N VAL B 288 4.86 8.50 11.10
CA VAL B 288 4.03 8.71 12.27
C VAL B 288 4.42 7.65 13.29
N GLN B 289 4.01 7.89 14.54
CA GLN B 289 4.26 6.93 15.61
C GLN B 289 3.23 5.81 15.58
N GLU B 290 3.65 4.65 16.12
CA GLU B 290 2.87 3.43 16.11
C GLU B 290 1.45 3.65 16.59
N ARG B 291 1.24 4.42 17.66
CA ARG B 291 -0.12 4.56 18.19
C ARG B 291 -1.07 5.24 17.21
N TYR B 292 -0.56 5.86 16.15
CA TYR B 292 -1.37 6.55 15.15
C TYR B 292 -1.44 5.79 13.85
N LEU B 293 -1.02 4.52 13.84
CA LEU B 293 -0.96 3.76 12.60
C LEU B 293 -2.31 3.77 11.89
N ALA B 294 -3.37 3.41 12.61
CA ALA B 294 -4.71 3.41 12.01
C ALA B 294 -5.27 4.81 11.79
N ALA B 295 -4.99 5.74 12.71
CA ALA B 295 -5.51 7.09 12.58
C ALA B 295 -4.99 7.78 11.31
N PHE B 296 -3.75 7.50 10.92
CA PHE B 296 -3.15 8.12 9.75
C PHE B 296 -3.44 7.38 8.46
N ALA B 297 -3.76 6.09 8.53
CA ALA B 297 -3.93 5.28 7.32
C ALA B 297 -4.83 5.93 6.29
N PRO B 298 -5.94 6.59 6.65
CA PRO B 298 -6.79 7.19 5.60
C PRO B 298 -6.04 8.19 4.74
N VAL B 299 -5.05 8.90 5.32
CA VAL B 299 -4.28 9.85 4.53
C VAL B 299 -3.48 9.16 3.43
N ILE B 300 -2.98 7.96 3.68
CA ILE B 300 -2.27 7.21 2.66
C ILE B 300 -3.19 6.89 1.49
N GLY B 301 -4.45 6.63 1.76
CA GLY B 301 -5.39 6.41 0.68
C GLY B 301 -5.48 7.59 -0.27
N LEU B 302 -5.24 8.81 0.21
CA LEU B 302 -5.30 9.99 -0.65
C LEU B 302 -3.97 10.31 -1.31
N LEU B 303 -2.87 10.12 -0.59
CA LEU B 303 -1.58 10.54 -1.08
C LEU B 303 -0.72 9.33 -1.46
#